data_3ABA
#
_entry.id   3ABA
#
_cell.length_a   91.368
_cell.length_b   91.368
_cell.length_c   151.239
_cell.angle_alpha   90.00
_cell.angle_beta   90.00
_cell.angle_gamma   90.00
#
_symmetry.space_group_name_H-M   'P 41 21 2'
#
loop_
_entity.id
_entity.type
_entity.pdbx_description
1 polymer 'Cytochrome P450'
2 non-polymer 'PROTOPORPHYRIN IX CONTAINING FE'
3 non-polymer (3R,4S,6S,8S,10R,12R,14R,16S,17E,19E,21E,23E,25E,28R)-3-hexyl-4,6,8,10,12,14,16-heptahydroxy-17,28-dimethyloxacyclooctacosa-17,19,21,23,25-pentaen-2-one
4 non-polymer 'SULFATE ION'
5 water water
#
_entity_poly.entity_id   1
_entity_poly.type   'polypeptide(L)'
_entity_poly.pdbx_seq_one_letter_code
;MPEPTADAPTVPKARSCPFLPPDGIADIRAAAPVTRATFTSGHEAWLVTGYEEVRALLRDSSFSVQVPHALHTQDGVVTQ
KPGRGSLLWQDEPEHTSDRKLLAKEFTVRRMQALRPNIQRIVDEHLDAIEARGGPVDLVKTFANAVPSMVISDLFGVPVE
RRAEFQDIAEAMMRVDQDAAATEAAGMRLGGLLYQLVQERRANPGDDLISALITTEDPDGVVDDMFLMNAAGTLLIAAHD
TTACMIGLGTALLLDSPDQLALLREDPSLVGNAVEELLRYLTIGQFGGERVATRDVELGGVRIAKGEQVVAHVLAADFDP
AFVEEPERFDITRRPAPHLAFGFGAHQCIGQQLARIELQIVFETLFRRLPGLRLAKPVEELRFRHDMVFYGVHELPVTWH
HHH
;
_entity_poly.pdbx_strand_id   A
#
loop_
_chem_comp.id
_chem_comp.type
_chem_comp.name
_chem_comp.formula
FLI non-polymer (3R,4S,6S,8S,10R,12R,14R,16S,17E,19E,21E,23E,25E,28R)-3-hexyl-4,6,8,10,12,14,16-heptahydroxy-17,28-dimethyloxacyclooctacosa-17,19,21,23,25-pentaen-2-one 'C35 H58 O9'
HEM non-polymer 'PROTOPORPHYRIN IX CONTAINING FE' 'C34 H32 Fe N4 O4'
SO4 non-polymer 'SULFATE ION' 'O4 S -2'
#
# COMPACT_ATOMS: atom_id res chain seq x y z
N ASP A 7 -31.99 6.16 -2.56
CA ASP A 7 -30.63 5.63 -2.21
C ASP A 7 -29.75 5.53 -3.44
N ALA A 8 -28.59 6.20 -3.37
CA ALA A 8 -27.53 6.08 -4.41
C ALA A 8 -27.08 4.62 -4.59
N PRO A 9 -26.79 4.20 -5.83
CA PRO A 9 -26.49 2.77 -6.02
C PRO A 9 -25.26 2.35 -5.18
N THR A 10 -25.24 1.10 -4.71
CA THR A 10 -24.06 0.67 -3.90
C THR A 10 -22.80 0.67 -4.81
N VAL A 11 -21.62 0.99 -4.25
CA VAL A 11 -20.41 0.86 -5.02
C VAL A 11 -20.17 -0.62 -5.41
N PRO A 12 -19.88 -0.90 -6.70
CA PRO A 12 -19.56 -2.26 -7.09
C PRO A 12 -18.31 -2.82 -6.36
N LYS A 13 -18.39 -4.06 -5.89
CA LYS A 13 -17.34 -4.67 -5.09
C LYS A 13 -16.96 -5.99 -5.75
N ALA A 14 -17.93 -6.65 -6.38
CA ALA A 14 -17.68 -8.02 -6.87
C ALA A 14 -16.76 -8.06 -8.09
N ARG A 15 -15.77 -8.96 -8.10
CA ARG A 15 -14.82 -9.05 -9.19
C ARG A 15 -14.99 -10.42 -9.82
N SER A 16 -15.37 -10.50 -11.09
CA SER A 16 -15.54 -11.80 -11.68
C SER A 16 -14.15 -12.30 -12.14
N CYS A 17 -13.23 -11.35 -12.33
CA CYS A 17 -11.83 -11.62 -12.62
C CYS A 17 -10.99 -11.02 -11.49
N PRO A 18 -10.30 -11.88 -10.76
CA PRO A 18 -9.82 -11.41 -9.49
C PRO A 18 -8.66 -10.41 -9.66
N PHE A 19 -8.07 -10.31 -10.88
CA PHE A 19 -6.99 -9.33 -11.08
C PHE A 19 -7.44 -8.01 -11.69
N LEU A 20 -8.76 -7.87 -11.87
CA LEU A 20 -9.38 -6.69 -12.43
C LEU A 20 -10.29 -5.99 -11.43
N PRO A 21 -10.61 -4.69 -11.70
CA PRO A 21 -11.51 -3.98 -10.80
C PRO A 21 -12.90 -4.65 -10.77
N PRO A 22 -13.71 -4.38 -9.72
CA PRO A 22 -15.15 -4.84 -9.71
C PRO A 22 -15.82 -4.50 -11.03
N ASP A 23 -16.53 -5.50 -11.56
CA ASP A 23 -17.11 -5.41 -12.92
C ASP A 23 -17.92 -4.17 -13.17
N GLY A 24 -18.65 -3.76 -12.13
CA GLY A 24 -19.55 -2.61 -12.28
C GLY A 24 -18.88 -1.25 -12.40
N ILE A 25 -17.62 -1.17 -11.99
CA ILE A 25 -16.93 0.10 -11.98
C ILE A 25 -16.80 0.77 -13.36
N ALA A 26 -16.47 0.04 -14.43
CA ALA A 26 -16.21 0.70 -15.70
C ALA A 26 -17.37 1.56 -16.23
N ASP A 27 -18.60 1.02 -16.17
CA ASP A 27 -19.78 1.77 -16.69
C ASP A 27 -20.06 2.99 -15.83
N ILE A 28 -19.79 2.91 -14.52
CA ILE A 28 -19.95 4.08 -13.67
C ILE A 28 -18.95 5.16 -14.04
N ARG A 29 -17.67 4.76 -14.17
CA ARG A 29 -16.58 5.69 -14.51
C ARG A 29 -16.91 6.34 -15.88
N ALA A 30 -17.33 5.52 -16.82
CA ALA A 30 -17.70 6.04 -18.18
C ALA A 30 -18.87 7.02 -18.15
N ALA A 31 -19.90 6.76 -17.35
CA ALA A 31 -21.10 7.62 -17.38
C ALA A 31 -20.92 8.86 -16.51
N ALA A 32 -20.23 8.69 -15.37
CA ALA A 32 -20.28 9.74 -14.31
C ALA A 32 -19.07 9.54 -13.37
N PRO A 33 -17.90 10.08 -13.78
CA PRO A 33 -16.72 9.76 -12.95
C PRO A 33 -16.72 10.53 -11.61
N VAL A 34 -17.72 11.40 -11.40
CA VAL A 34 -18.01 11.93 -10.04
C VAL A 34 -19.52 11.73 -9.88
N THR A 35 -19.91 10.89 -8.93
CA THR A 35 -21.27 10.46 -8.79
C THR A 35 -21.59 10.05 -7.34
N ARG A 36 -22.89 10.08 -6.95
CA ARG A 36 -23.26 9.60 -5.62
C ARG A 36 -23.30 8.08 -5.56
N ALA A 37 -22.92 7.51 -4.42
CA ALA A 37 -22.97 6.06 -4.31
C ALA A 37 -23.13 5.74 -2.83
N THR A 38 -23.61 4.55 -2.53
CA THR A 38 -23.68 4.10 -1.15
C THR A 38 -22.52 3.15 -0.90
N PHE A 39 -21.83 3.42 0.20
CA PHE A 39 -20.63 2.66 0.53
C PHE A 39 -20.92 1.55 1.55
N THR A 40 -19.86 0.78 1.88
CA THR A 40 -20.04 -0.34 2.82
C THR A 40 -20.71 0.04 4.14
N SER A 41 -20.40 1.21 4.66
CA SER A 41 -21.01 1.69 5.94
C SER A 41 -22.51 2.03 5.80
N GLY A 42 -22.99 2.12 4.56
CA GLY A 42 -24.39 2.50 4.35
C GLY A 42 -24.56 3.99 4.13
N HIS A 43 -23.49 4.79 4.32
CA HIS A 43 -23.59 6.24 4.11
C HIS A 43 -23.52 6.46 2.63
N GLU A 44 -24.18 7.53 2.17
CA GLU A 44 -23.94 8.04 0.81
C GLU A 44 -22.85 9.08 0.77
N ALA A 45 -22.05 9.08 -0.30
CA ALA A 45 -20.98 10.07 -0.45
C ALA A 45 -20.62 10.15 -1.93
N TRP A 46 -19.59 10.91 -2.29
CA TRP A 46 -19.21 11.08 -3.72
C TRP A 46 -18.13 10.02 -4.06
N LEU A 47 -18.40 9.25 -5.08
CA LEU A 47 -17.49 8.25 -5.63
C LEU A 47 -16.81 8.92 -6.83
N VAL A 48 -15.50 9.00 -6.80
CA VAL A 48 -14.75 9.58 -7.91
C VAL A 48 -13.84 8.51 -8.51
N THR A 49 -14.08 8.22 -9.79
CA THR A 49 -13.52 7.03 -10.47
C THR A 49 -12.66 7.39 -11.66
N GLY A 50 -12.79 8.61 -12.17
CA GLY A 50 -12.11 8.94 -13.48
C GLY A 50 -10.70 9.38 -13.14
N TYR A 51 -9.74 9.07 -14.02
CA TYR A 51 -8.38 9.40 -13.72
C TYR A 51 -8.20 10.92 -13.54
N GLU A 52 -8.67 11.71 -14.50
CA GLU A 52 -8.41 13.14 -14.41
C GLU A 52 -9.11 13.75 -13.17
N GLU A 53 -10.28 13.21 -12.79
CA GLU A 53 -11.02 13.73 -11.67
C GLU A 53 -10.43 13.28 -10.31
N VAL A 54 -9.93 12.04 -10.21
CA VAL A 54 -9.21 11.62 -8.99
C VAL A 54 -7.93 12.49 -8.81
N ARG A 55 -7.23 12.79 -9.93
CA ARG A 55 -6.06 13.63 -9.75
C ARG A 55 -6.44 14.99 -9.27
N ALA A 56 -7.52 15.55 -9.84
CA ALA A 56 -7.96 16.85 -9.46
C ALA A 56 -8.43 16.86 -8.01
N LEU A 57 -9.21 15.85 -7.66
CA LEU A 57 -9.57 15.67 -6.24
C LEU A 57 -8.30 15.66 -5.34
N LEU A 58 -7.30 14.82 -5.63
CA LEU A 58 -6.19 14.62 -4.72
C LEU A 58 -5.20 15.82 -4.65
N ARG A 59 -5.15 16.63 -5.71
CA ARG A 59 -4.25 17.76 -5.77
C ARG A 59 -4.85 19.00 -5.10
N ASP A 60 -6.16 18.96 -4.83
CA ASP A 60 -6.91 20.13 -4.28
C ASP A 60 -6.78 20.22 -2.78
N SER A 61 -6.12 21.26 -2.33
CA SER A 61 -5.81 21.32 -0.91
C SER A 61 -7.01 21.83 -0.04
N SER A 62 -8.17 22.03 -0.64
CA SER A 62 -9.31 22.43 0.14
C SER A 62 -10.01 21.18 0.68
N PHE A 63 -9.56 19.99 0.29
CA PHE A 63 -10.06 18.78 0.95
C PHE A 63 -9.19 18.44 2.15
N SER A 64 -9.84 17.85 3.14
CA SER A 64 -9.22 17.44 4.38
C SER A 64 -9.20 15.92 4.45
N VAL A 65 -8.22 15.36 5.16
CA VAL A 65 -8.28 13.93 5.45
C VAL A 65 -9.01 13.67 6.78
N GLN A 66 -9.56 14.72 7.49
CA GLN A 66 -10.20 14.44 8.77
C GLN A 66 -11.67 14.25 8.53
N VAL A 67 -12.03 13.04 8.06
CA VAL A 67 -13.37 12.83 7.49
C VAL A 67 -14.32 12.34 8.57
N PRO A 68 -15.63 12.47 8.32
CA PRO A 68 -16.64 12.18 9.36
C PRO A 68 -17.01 10.69 9.48
N HIS A 69 -16.76 9.90 8.41
CA HIS A 69 -17.24 8.53 8.38
C HIS A 69 -16.11 7.62 7.91
N ALA A 70 -16.20 6.36 8.32
CA ALA A 70 -15.35 5.33 7.75
C ALA A 70 -16.22 4.59 6.78
N LEU A 71 -16.21 5.04 5.54
CA LEU A 71 -17.15 4.49 4.54
C LEU A 71 -16.89 3.02 4.19
N HIS A 72 -15.67 2.55 4.43
CA HIS A 72 -15.30 1.19 4.05
C HIS A 72 -15.49 0.10 5.14
N THR A 73 -16.02 0.46 6.33
CA THR A 73 -16.25 -0.53 7.38
C THR A 73 -17.75 -0.61 7.54
N GLN A 74 -18.23 -1.70 8.14
CA GLN A 74 -19.68 -1.88 8.22
C GLN A 74 -20.29 -0.93 9.23
N ASP A 75 -19.55 -0.72 10.33
CA ASP A 75 -20.13 0.12 11.37
C ASP A 75 -19.95 1.63 11.06
N GLY A 76 -19.14 1.98 10.07
CA GLY A 76 -18.87 3.39 9.70
C GLY A 76 -18.07 4.23 10.73
N VAL A 77 -17.56 3.57 11.75
CA VAL A 77 -16.99 4.32 12.91
C VAL A 77 -15.54 4.63 12.55
N VAL A 78 -15.21 5.90 12.57
CA VAL A 78 -13.84 6.34 12.36
C VAL A 78 -12.95 6.06 13.59
N THR A 79 -11.94 5.25 13.40
CA THR A 79 -11.04 4.88 14.48
C THR A 79 -10.24 6.15 14.89
N GLN A 80 -9.82 6.22 16.16
CA GLN A 80 -9.07 7.43 16.60
C GLN A 80 -7.65 7.36 16.00
N LYS A 81 -7.30 8.32 15.16
CA LYS A 81 -6.05 8.28 14.43
C LYS A 81 -4.93 8.92 15.22
N PRO A 82 -3.73 8.46 14.97
CA PRO A 82 -2.59 9.13 15.65
C PRO A 82 -2.40 10.57 15.12
N GLY A 83 -1.69 11.39 15.88
CA GLY A 83 -1.49 12.81 15.60
C GLY A 83 -0.26 13.17 14.77
N ARG A 84 0.40 14.24 15.22
CA ARG A 84 1.57 14.74 14.51
C ARG A 84 2.66 13.70 14.35
N GLY A 85 3.23 13.62 13.14
CA GLY A 85 4.19 12.60 12.75
C GLY A 85 3.60 11.49 11.89
N SER A 86 2.31 11.20 12.04
CA SER A 86 1.72 10.10 11.31
C SER A 86 1.45 10.46 9.84
N LEU A 87 1.33 11.78 9.51
CA LEU A 87 1.11 12.30 8.16
C LEU A 87 -0.23 12.02 7.54
N LEU A 88 -0.65 10.76 7.47
CA LEU A 88 -1.84 10.36 6.68
C LEU A 88 -3.09 11.10 7.16
N TRP A 89 -3.14 11.32 8.46
CA TRP A 89 -4.28 11.93 9.12
C TRP A 89 -4.08 13.40 9.49
N GLN A 90 -3.11 14.06 8.86
CA GLN A 90 -2.82 15.45 9.18
C GLN A 90 -3.23 16.30 8.02
N ASP A 91 -3.69 17.53 8.32
CA ASP A 91 -3.90 18.53 7.26
C ASP A 91 -2.80 19.59 7.35
N GLU A 92 -2.62 20.39 6.28
CA GLU A 92 -1.70 21.53 6.33
C GLU A 92 -2.26 22.54 7.40
N PRO A 93 -1.38 23.36 8.02
CA PRO A 93 0.03 23.52 7.69
C PRO A 93 0.91 22.46 8.44
N GLU A 94 0.38 21.79 9.46
CA GLU A 94 1.20 20.82 10.23
C GLU A 94 1.58 19.59 9.36
N HIS A 95 0.71 19.13 8.48
CA HIS A 95 1.12 18.03 7.58
C HIS A 95 2.40 18.47 6.82
N THR A 96 2.40 19.71 6.28
CA THR A 96 3.49 20.17 5.44
C THR A 96 4.83 20.20 6.22
N SER A 97 4.78 20.76 7.46
CA SER A 97 6.01 20.92 8.19
C SER A 97 6.48 19.56 8.76
N ASP A 98 5.53 18.75 9.21
CA ASP A 98 5.89 17.46 9.77
C ASP A 98 6.39 16.53 8.66
N ARG A 99 5.78 16.55 7.48
CA ARG A 99 6.32 15.74 6.40
C ARG A 99 7.76 16.18 6.00
N LYS A 100 7.97 17.50 6.06
CA LYS A 100 9.31 18.00 5.80
C LYS A 100 10.36 17.54 6.82
N LEU A 101 9.98 17.50 8.09
CA LEU A 101 10.90 16.98 9.11
C LEU A 101 11.22 15.50 8.83
N LEU A 102 10.20 14.67 8.57
CA LEU A 102 10.44 13.25 8.27
C LEU A 102 11.28 13.10 7.02
N ALA A 103 11.00 13.91 6.00
CA ALA A 103 11.67 13.73 4.71
C ALA A 103 13.10 14.17 4.78
N LYS A 104 13.46 14.96 5.81
CA LYS A 104 14.86 15.41 6.01
C LYS A 104 15.74 14.21 6.29
N GLU A 105 15.23 13.25 7.04
CA GLU A 105 16.01 12.04 7.39
C GLU A 105 15.63 10.82 6.55
N PHE A 106 14.37 10.70 6.16
CA PHE A 106 13.99 9.51 5.37
C PHE A 106 14.07 9.98 3.93
N THR A 107 15.26 9.90 3.37
CA THR A 107 15.54 10.51 2.07
C THR A 107 15.55 9.43 0.99
N VAL A 108 15.28 9.86 -0.23
CA VAL A 108 15.32 8.90 -1.32
C VAL A 108 16.71 8.33 -1.48
N ARG A 109 17.78 9.11 -1.22
CA ARG A 109 19.14 8.58 -1.34
C ARG A 109 19.40 7.51 -0.27
N ARG A 110 18.90 7.74 0.95
CA ARG A 110 19.00 6.68 1.94
C ARG A 110 18.18 5.43 1.58
N MET A 111 17.01 5.56 0.93
CA MET A 111 16.22 4.43 0.41
C MET A 111 17.07 3.69 -0.62
N GLN A 112 17.71 4.44 -1.50
CA GLN A 112 18.53 3.83 -2.49
C GLN A 112 19.69 3.04 -1.89
N ALA A 113 20.27 3.57 -0.79
CA ALA A 113 21.41 2.93 -0.20
C ALA A 113 20.98 1.57 0.50
N LEU A 114 19.69 1.32 0.63
CA LEU A 114 19.21 0.01 1.15
C LEU A 114 19.27 -1.13 0.17
N ARG A 115 19.62 -0.87 -1.10
CA ARG A 115 19.56 -1.94 -2.07
C ARG A 115 20.40 -3.19 -1.71
N PRO A 116 21.64 -3.02 -1.25
CA PRO A 116 22.40 -4.24 -0.94
C PRO A 116 21.77 -5.06 0.21
N ASN A 117 21.28 -4.37 1.23
CA ASN A 117 20.59 -5.09 2.34
C ASN A 117 19.31 -5.78 1.83
N ILE A 118 18.55 -5.11 0.95
CA ILE A 118 17.28 -5.67 0.49
C ILE A 118 17.61 -6.93 -0.38
N GLN A 119 18.64 -6.81 -1.20
CA GLN A 119 19.12 -8.01 -1.96
C GLN A 119 19.50 -9.14 -1.04
N ARG A 120 20.25 -8.86 0.02
CA ARG A 120 20.62 -9.92 0.94
C ARG A 120 19.40 -10.61 1.55
N ILE A 121 18.48 -9.77 2.04
CA ILE A 121 17.24 -10.31 2.66
C ILE A 121 16.47 -11.18 1.67
N VAL A 122 16.31 -10.68 0.46
CA VAL A 122 15.62 -11.48 -0.54
C VAL A 122 16.34 -12.83 -0.75
N ASP A 123 17.66 -12.76 -0.98
CA ASP A 123 18.35 -14.00 -1.26
C ASP A 123 18.32 -14.96 -0.05
N GLU A 124 18.36 -14.40 1.15
CA GLU A 124 18.32 -15.26 2.31
C GLU A 124 16.96 -15.99 2.40
N HIS A 125 15.86 -15.29 2.08
CA HIS A 125 14.58 -15.97 2.21
C HIS A 125 14.43 -16.95 1.09
N LEU A 126 15.02 -16.65 -0.11
CA LEU A 126 14.94 -17.69 -1.17
C LEU A 126 15.87 -18.87 -0.88
N ASP A 127 16.97 -18.64 -0.18
CA ASP A 127 17.81 -19.79 0.28
C ASP A 127 16.98 -20.75 1.14
N ALA A 128 16.22 -20.18 2.06
CA ALA A 128 15.37 -20.98 2.98
C ALA A 128 14.29 -21.79 2.21
N ILE A 129 13.71 -21.15 1.18
CA ILE A 129 12.68 -21.74 0.34
C ILE A 129 13.33 -22.91 -0.39
N GLU A 130 14.52 -22.69 -0.95
CA GLU A 130 15.12 -23.80 -1.76
C GLU A 130 15.52 -24.96 -0.85
N ALA A 131 15.94 -24.63 0.39
CA ALA A 131 16.38 -25.65 1.34
C ALA A 131 15.21 -26.51 1.83
N ARG A 132 14.05 -25.91 1.97
CA ARG A 132 12.87 -26.70 2.39
C ARG A 132 12.25 -27.44 1.24
N GLY A 133 12.41 -26.92 0.04
CA GLY A 133 11.86 -27.51 -1.20
C GLY A 133 10.36 -27.14 -1.38
N GLY A 134 9.82 -27.43 -2.54
CA GLY A 134 8.46 -27.06 -2.85
C GLY A 134 7.50 -28.20 -2.51
N PRO A 135 6.21 -27.89 -2.47
CA PRO A 135 5.70 -26.56 -2.70
C PRO A 135 5.82 -25.67 -1.43
N VAL A 136 5.65 -24.36 -1.61
CA VAL A 136 5.65 -23.49 -0.44
C VAL A 136 4.56 -22.47 -0.64
N ASP A 137 4.15 -21.84 0.46
CA ASP A 137 3.18 -20.73 0.40
C ASP A 137 4.06 -19.48 0.32
N LEU A 138 4.07 -18.81 -0.82
CA LEU A 138 4.95 -17.64 -0.96
C LEU A 138 4.51 -16.50 -0.14
N VAL A 139 3.27 -16.46 0.34
CA VAL A 139 2.89 -15.34 1.19
C VAL A 139 3.59 -15.39 2.55
N LYS A 140 3.53 -16.56 3.17
CA LYS A 140 4.11 -16.67 4.53
C LYS A 140 5.64 -16.70 4.48
N THR A 141 6.18 -17.30 3.43
CA THR A 141 7.64 -17.57 3.40
C THR A 141 8.43 -16.41 2.77
N PHE A 142 7.73 -15.46 2.16
CA PHE A 142 8.48 -14.54 1.32
C PHE A 142 7.77 -13.18 1.26
N ALA A 143 6.51 -13.11 0.82
CA ALA A 143 5.89 -11.79 0.64
C ALA A 143 5.76 -11.00 1.95
N ASN A 144 5.29 -11.66 3.00
CA ASN A 144 5.10 -10.98 4.28
C ASN A 144 6.44 -10.76 4.95
N ALA A 145 7.36 -11.67 4.73
CA ALA A 145 8.62 -11.72 5.56
C ALA A 145 9.64 -10.69 5.03
N VAL A 146 9.81 -10.64 3.73
CA VAL A 146 10.83 -9.74 3.18
C VAL A 146 10.66 -8.21 3.54
N PRO A 147 9.49 -7.61 3.23
CA PRO A 147 9.35 -6.15 3.50
C PRO A 147 9.33 -5.91 5.02
N SER A 148 8.94 -6.89 5.80
CA SER A 148 9.05 -6.74 7.27
C SER A 148 10.50 -6.60 7.66
N MET A 149 11.35 -7.50 7.13
CA MET A 149 12.78 -7.43 7.51
C MET A 149 13.35 -6.11 7.01
N VAL A 150 13.00 -5.71 5.76
CA VAL A 150 13.64 -4.43 5.21
C VAL A 150 13.32 -3.21 6.11
N ILE A 151 12.07 -3.02 6.42
CA ILE A 151 11.72 -1.83 7.18
C ILE A 151 12.14 -1.97 8.66
N SER A 152 12.12 -3.19 9.15
CA SER A 152 12.52 -3.44 10.58
C SER A 152 14.00 -3.18 10.70
N ASP A 153 14.78 -3.59 9.69
CA ASP A 153 16.23 -3.23 9.74
C ASP A 153 16.47 -1.69 9.72
N LEU A 154 15.72 -0.97 8.90
CA LEU A 154 15.89 0.47 8.84
C LEU A 154 15.58 1.09 10.20
N PHE A 155 14.63 0.48 10.90
CA PHE A 155 14.24 1.02 12.23
C PHE A 155 14.96 0.38 13.43
N GLY A 156 15.81 -0.59 13.20
CA GLY A 156 16.58 -1.31 14.26
C GLY A 156 15.63 -2.10 15.16
N VAL A 157 14.49 -2.55 14.60
CA VAL A 157 13.57 -3.36 15.41
C VAL A 157 14.19 -4.76 15.71
N PRO A 158 14.31 -5.11 17.00
CA PRO A 158 14.93 -6.42 17.32
C PRO A 158 14.21 -7.58 16.63
N VAL A 159 14.99 -8.58 16.17
CA VAL A 159 14.39 -9.63 15.30
C VAL A 159 13.29 -10.38 16.00
N GLU A 160 13.42 -10.54 17.34
CA GLU A 160 12.36 -11.22 18.07
C GLU A 160 10.99 -10.50 18.20
N ARG A 161 10.90 -9.21 17.76
CA ARG A 161 9.65 -8.45 17.86
C ARG A 161 9.00 -8.35 16.48
N ARG A 162 9.71 -8.74 15.40
CA ARG A 162 9.20 -8.38 14.04
C ARG A 162 7.88 -9.10 13.69
N ALA A 163 7.72 -10.33 14.18
CA ALA A 163 6.54 -11.13 13.85
C ALA A 163 5.32 -10.43 14.49
N GLU A 164 5.52 -9.81 15.64
CA GLU A 164 4.41 -9.03 16.27
C GLU A 164 3.97 -7.87 15.45
N PHE A 165 4.92 -7.11 14.86
CA PHE A 165 4.54 -6.07 13.91
C PHE A 165 3.75 -6.62 12.72
N GLN A 166 4.19 -7.75 12.15
CA GLN A 166 3.47 -8.31 11.03
C GLN A 166 2.05 -8.65 11.48
N ASP A 167 1.92 -9.27 12.67
CA ASP A 167 0.59 -9.67 13.16
C ASP A 167 -0.29 -8.47 13.40
N ILE A 168 0.28 -7.34 13.85
CA ILE A 168 -0.56 -6.14 13.99
C ILE A 168 -1.13 -5.71 12.64
N ALA A 169 -0.31 -5.76 11.57
CA ALA A 169 -0.85 -5.32 10.29
C ALA A 169 -2.03 -6.22 9.90
N GLU A 170 -1.91 -7.52 10.14
CA GLU A 170 -3.00 -8.42 9.79
C GLU A 170 -4.22 -8.18 10.66
N ALA A 171 -4.04 -7.76 11.90
CA ALA A 171 -5.20 -7.57 12.79
C ALA A 171 -5.83 -6.23 12.58
N MET A 172 -5.05 -5.28 12.07
CA MET A 172 -5.43 -3.91 12.07
C MET A 172 -5.95 -3.44 10.69
N MET A 173 -5.35 -3.89 9.61
CA MET A 173 -5.64 -3.29 8.27
C MET A 173 -6.78 -4.06 7.55
N ARG A 174 -7.96 -4.06 8.19
CA ARG A 174 -9.08 -4.93 7.80
C ARG A 174 -10.32 -4.06 7.56
N VAL A 175 -11.22 -4.57 6.75
CA VAL A 175 -12.53 -3.87 6.60
C VAL A 175 -13.64 -4.75 7.05
N ASP A 176 -13.30 -5.85 7.72
CA ASP A 176 -14.37 -6.80 8.13
C ASP A 176 -14.62 -6.83 9.62
N GLN A 177 -14.26 -5.77 10.34
CA GLN A 177 -14.52 -5.83 11.75
C GLN A 177 -14.99 -4.47 12.27
N ASP A 178 -15.26 -4.43 13.57
CA ASP A 178 -15.65 -3.15 14.16
C ASP A 178 -14.54 -2.28 14.71
N ALA A 179 -14.86 -1.05 15.04
CA ALA A 179 -13.83 -0.14 15.52
C ALA A 179 -13.10 -0.63 16.74
N ALA A 180 -13.78 -1.33 17.65
CA ALA A 180 -13.11 -1.77 18.87
C ALA A 180 -11.98 -2.74 18.54
N ALA A 181 -12.19 -3.62 17.55
CA ALA A 181 -11.16 -4.55 17.21
C ALA A 181 -9.94 -3.84 16.58
N THR A 182 -10.25 -2.91 15.71
CA THR A 182 -9.18 -2.19 14.93
C THR A 182 -8.38 -1.36 15.95
N GLU A 183 -9.11 -0.63 16.80
CA GLU A 183 -8.38 0.17 17.85
C GLU A 183 -7.61 -0.62 18.85
N ALA A 184 -8.11 -1.81 19.23
CA ALA A 184 -7.28 -2.63 20.11
C ALA A 184 -5.97 -2.98 19.46
N ALA A 185 -5.95 -3.29 18.16
CA ALA A 185 -4.68 -3.64 17.51
C ALA A 185 -3.78 -2.40 17.44
N GLY A 186 -4.39 -1.27 17.16
CA GLY A 186 -3.66 0.06 17.21
C GLY A 186 -3.05 0.31 18.59
N MET A 187 -3.79 -0.03 19.66
CA MET A 187 -3.29 0.20 21.00
C MET A 187 -2.06 -0.73 21.28
N ARG A 188 -2.14 -2.03 20.93
CA ARG A 188 -1.00 -2.96 21.10
C ARG A 188 0.18 -2.43 20.29
N LEU A 189 -0.12 -1.89 19.12
CA LEU A 189 1.02 -1.35 18.31
C LEU A 189 1.69 -0.17 19.07
N GLY A 190 0.88 0.68 19.74
CA GLY A 190 1.50 1.77 20.52
C GLY A 190 2.48 1.25 21.57
N GLY A 191 2.19 0.10 22.19
CA GLY A 191 3.12 -0.43 23.20
C GLY A 191 4.44 -0.78 22.54
N LEU A 192 4.37 -1.39 21.35
CA LEU A 192 5.60 -1.73 20.65
C LEU A 192 6.39 -0.47 20.25
N LEU A 193 5.67 0.57 19.80
CA LEU A 193 6.33 1.82 19.30
C LEU A 193 6.92 2.57 20.50
N TYR A 194 6.20 2.54 21.63
CA TYR A 194 6.71 3.24 22.83
C TYR A 194 8.02 2.57 23.24
N GLN A 195 8.08 1.26 23.25
CA GLN A 195 9.33 0.59 23.70
C GLN A 195 10.49 0.95 22.76
N LEU A 196 10.18 0.92 21.45
CA LEU A 196 11.18 1.19 20.44
C LEU A 196 11.69 2.60 20.55
N VAL A 197 10.81 3.60 20.69
CA VAL A 197 11.30 4.98 20.87
C VAL A 197 12.10 5.13 22.13
N GLN A 198 11.60 4.59 23.25
CA GLN A 198 12.40 4.69 24.47
C GLN A 198 13.80 4.10 24.30
N GLU A 199 13.86 2.98 23.63
CA GLU A 199 15.16 2.28 23.41
C GLU A 199 16.13 3.12 22.54
N ARG A 200 15.58 3.70 21.47
CA ARG A 200 16.41 4.57 20.61
C ARG A 200 16.90 5.84 21.30
N ARG A 201 16.05 6.44 22.11
CA ARG A 201 16.47 7.56 22.91
C ARG A 201 17.54 7.11 23.87
N ALA A 202 17.35 5.93 24.47
CA ALA A 202 18.34 5.48 25.48
C ALA A 202 19.70 5.07 24.86
N ASN A 203 19.66 4.60 23.62
CA ASN A 203 20.75 3.84 23.01
C ASN A 203 20.72 4.03 21.50
N PRO A 204 21.09 5.22 21.06
CA PRO A 204 20.97 5.56 19.63
C PRO A 204 21.86 4.64 18.79
N GLY A 205 21.41 4.43 17.57
CA GLY A 205 22.03 3.48 16.67
C GLY A 205 21.95 3.98 15.26
N ASP A 206 22.25 3.06 14.33
CA ASP A 206 22.29 3.40 12.91
C ASP A 206 20.88 3.06 12.39
N ASP A 207 19.92 3.89 12.74
CA ASP A 207 18.53 3.63 12.40
C ASP A 207 17.80 4.91 12.24
N LEU A 208 16.58 4.82 11.69
CA LEU A 208 15.87 6.00 11.33
C LEU A 208 15.31 6.79 12.50
N ILE A 209 14.82 6.10 13.55
CA ILE A 209 14.44 6.89 14.76
C ILE A 209 15.59 7.71 15.36
N SER A 210 16.75 7.09 15.45
CA SER A 210 17.92 7.80 15.98
C SER A 210 18.25 9.01 15.13
N ALA A 211 18.15 8.87 13.80
CA ALA A 211 18.39 10.04 12.92
C ALA A 211 17.36 11.11 13.11
N LEU A 212 16.10 10.73 13.35
CA LEU A 212 15.04 11.78 13.59
C LEU A 212 15.25 12.51 14.90
N ILE A 213 15.76 11.76 15.90
CA ILE A 213 16.02 12.37 17.19
C ILE A 213 16.98 13.54 17.07
N THR A 214 17.95 13.45 16.15
CA THR A 214 18.95 14.50 16.08
C THR A 214 18.65 15.51 14.97
N THR A 215 17.50 15.39 14.31
CA THR A 215 17.22 16.24 13.18
C THR A 215 17.01 17.69 13.63
N GLU A 216 17.34 18.62 12.74
CA GLU A 216 17.02 20.06 13.01
C GLU A 216 15.54 20.30 13.34
N ASP A 217 15.26 20.79 14.52
CA ASP A 217 13.89 20.80 15.03
C ASP A 217 13.71 22.09 15.83
N PRO A 218 13.70 23.27 15.12
CA PRO A 218 13.71 24.53 15.89
C PRO A 218 12.48 24.63 16.74
N ASP A 219 11.33 24.16 16.23
CA ASP A 219 10.07 24.28 17.02
C ASP A 219 9.81 23.18 18.12
N GLY A 220 10.78 22.29 18.33
CA GLY A 220 10.64 21.23 19.33
C GLY A 220 9.42 20.35 19.09
N VAL A 221 9.14 20.04 17.81
CA VAL A 221 8.00 19.17 17.50
C VAL A 221 8.38 17.69 17.62
N VAL A 222 9.67 17.36 17.50
CA VAL A 222 10.11 15.93 17.56
C VAL A 222 10.20 15.33 19.00
N ASP A 223 9.06 15.04 19.60
CA ASP A 223 9.04 14.43 20.95
C ASP A 223 8.69 12.96 20.78
N ASP A 224 8.57 12.24 21.90
CA ASP A 224 8.38 10.77 21.77
C ASP A 224 7.07 10.44 21.06
N MET A 225 5.99 11.19 21.33
CA MET A 225 4.71 10.90 20.67
C MET A 225 4.85 11.08 19.15
N PHE A 226 5.57 12.14 18.75
CA PHE A 226 5.80 12.36 17.31
C PHE A 226 6.57 11.18 16.66
N LEU A 227 7.58 10.68 17.37
CA LEU A 227 8.44 9.58 16.88
C LEU A 227 7.60 8.30 16.83
N MET A 228 6.75 8.11 17.83
CA MET A 228 5.95 6.90 17.84
C MET A 228 4.99 6.97 16.66
N ASN A 229 4.44 8.16 16.40
CA ASN A 229 3.39 8.25 15.35
C ASN A 229 4.07 8.06 13.96
N ALA A 230 5.23 8.71 13.75
CA ALA A 230 5.94 8.58 12.51
C ALA A 230 6.37 7.11 12.31
N ALA A 231 6.94 6.51 13.34
CA ALA A 231 7.42 5.11 13.22
C ALA A 231 6.24 4.19 12.91
N GLY A 232 5.11 4.42 13.57
CA GLY A 232 3.96 3.53 13.38
C GLY A 232 3.46 3.57 11.96
N THR A 233 3.32 4.74 11.38
CA THR A 233 2.85 4.89 10.02
C THR A 233 3.85 4.26 9.04
N LEU A 234 5.15 4.59 9.21
CA LEU A 234 6.13 4.04 8.29
C LEU A 234 6.22 2.54 8.42
N LEU A 235 6.31 2.02 9.66
CA LEU A 235 6.45 0.55 9.84
C LEU A 235 5.28 -0.25 9.27
N ILE A 236 4.06 0.19 9.59
CA ILE A 236 2.90 -0.55 9.11
C ILE A 236 2.72 -0.39 7.57
N ALA A 237 2.85 0.82 7.04
CA ALA A 237 2.61 1.03 5.61
C ALA A 237 3.64 0.14 4.88
N ALA A 238 4.90 0.18 5.33
CA ALA A 238 5.96 -0.51 4.58
C ALA A 238 5.82 -2.01 4.65
N HIS A 239 5.18 -2.53 5.69
CA HIS A 239 5.01 -3.99 5.96
C HIS A 239 3.86 -4.37 4.95
N ASP A 240 2.72 -3.76 5.17
CA ASP A 240 1.47 -4.30 4.56
C ASP A 240 1.40 -4.12 3.00
N THR A 241 1.63 -2.91 2.50
CA THR A 241 1.40 -2.62 1.08
C THR A 241 2.38 -3.47 0.27
N THR A 242 3.66 -3.43 0.66
CA THR A 242 4.68 -4.11 -0.17
C THR A 242 4.42 -5.64 -0.12
N ALA A 243 4.03 -6.17 1.03
CA ALA A 243 3.76 -7.60 1.09
C ALA A 243 2.62 -7.90 0.09
N CYS A 244 1.56 -7.13 0.20
CA CYS A 244 0.39 -7.36 -0.71
C CYS A 244 0.81 -7.33 -2.17
N MET A 245 1.62 -6.35 -2.54
CA MET A 245 2.07 -6.27 -3.98
C MET A 245 2.91 -7.52 -4.38
N ILE A 246 3.78 -8.00 -3.47
CA ILE A 246 4.61 -9.12 -3.82
C ILE A 246 3.76 -10.37 -4.10
N GLY A 247 2.81 -10.61 -3.18
CA GLY A 247 2.01 -11.88 -3.36
C GLY A 247 1.12 -11.69 -4.57
N LEU A 248 0.54 -10.50 -4.72
CA LEU A 248 -0.43 -10.34 -5.86
C LEU A 248 0.25 -10.16 -7.20
N GLY A 249 1.38 -9.42 -7.23
CA GLY A 249 2.05 -9.33 -8.53
C GLY A 249 2.64 -10.68 -8.93
N THR A 250 3.12 -11.47 -7.95
CA THR A 250 3.57 -12.83 -8.28
C THR A 250 2.45 -13.66 -8.87
N ALA A 251 1.30 -13.63 -8.20
CA ALA A 251 0.11 -14.43 -8.67
C ALA A 251 -0.34 -14.02 -10.10
N LEU A 252 -0.34 -12.73 -10.38
CA LEU A 252 -0.72 -12.21 -11.69
C LEU A 252 0.32 -12.63 -12.73
N LEU A 253 1.60 -12.52 -12.39
CA LEU A 253 2.56 -12.97 -13.43
C LEU A 253 2.48 -14.51 -13.67
N LEU A 254 2.27 -15.29 -12.59
CA LEU A 254 2.14 -16.74 -12.67
C LEU A 254 0.87 -17.17 -13.42
N ASP A 255 -0.02 -16.22 -13.61
CA ASP A 255 -1.23 -16.42 -14.42
C ASP A 255 -1.20 -15.70 -15.74
N SER A 256 -0.05 -15.15 -16.12
CA SER A 256 0.09 -14.35 -17.34
C SER A 256 1.31 -14.86 -18.13
N PRO A 257 1.14 -15.98 -18.84
CA PRO A 257 2.35 -16.64 -19.38
C PRO A 257 3.13 -15.75 -20.34
N ASP A 258 2.49 -15.01 -21.26
CA ASP A 258 3.30 -14.20 -22.18
C ASP A 258 4.10 -13.11 -21.49
N GLN A 259 3.48 -12.47 -20.48
CA GLN A 259 4.17 -11.44 -19.73
C GLN A 259 5.29 -12.04 -18.90
N LEU A 260 5.05 -13.20 -18.30
CA LEU A 260 6.11 -13.74 -17.44
C LEU A 260 7.30 -14.22 -18.29
N ALA A 261 6.99 -14.72 -19.48
CA ALA A 261 8.09 -15.03 -20.43
C ALA A 261 8.93 -13.80 -20.79
N LEU A 262 8.33 -12.62 -20.97
CA LEU A 262 9.15 -11.43 -21.30
C LEU A 262 10.07 -11.07 -20.19
N LEU A 263 9.55 -11.15 -18.96
CA LEU A 263 10.39 -10.84 -17.78
C LEU A 263 11.52 -11.87 -17.61
N ARG A 264 11.23 -13.15 -17.84
CA ARG A 264 12.27 -14.17 -17.76
C ARG A 264 13.31 -14.01 -18.83
N GLU A 265 12.92 -13.47 -19.97
CA GLU A 265 13.90 -13.28 -21.00
C GLU A 265 14.81 -12.12 -20.58
N ASP A 266 14.21 -11.08 -19.99
CA ASP A 266 14.94 -9.83 -19.65
C ASP A 266 14.67 -9.24 -18.29
N PRO A 267 15.53 -9.55 -17.33
CA PRO A 267 15.43 -9.09 -15.94
C PRO A 267 15.46 -7.54 -15.97
N SER A 268 16.05 -6.91 -17.02
CA SER A 268 16.21 -5.41 -16.96
C SER A 268 14.86 -4.71 -17.28
N LEU A 269 13.86 -5.49 -17.69
CA LEU A 269 12.50 -4.96 -17.83
C LEU A 269 11.75 -4.82 -16.50
N VAL A 270 12.36 -5.25 -15.40
CA VAL A 270 11.60 -5.34 -14.14
C VAL A 270 11.17 -3.92 -13.68
N GLY A 271 11.88 -2.85 -14.08
CA GLY A 271 11.43 -1.50 -13.70
C GLY A 271 10.12 -1.12 -14.40
N ASN A 272 10.03 -1.37 -15.69
CA ASN A 272 8.77 -1.23 -16.39
C ASN A 272 7.72 -2.19 -15.80
N ALA A 273 8.10 -3.43 -15.50
CA ALA A 273 7.12 -4.40 -15.01
C ALA A 273 6.55 -3.97 -13.68
N VAL A 274 7.38 -3.44 -12.79
CA VAL A 274 6.84 -2.96 -11.48
C VAL A 274 5.89 -1.79 -11.66
N GLU A 275 6.22 -0.80 -12.54
CA GLU A 275 5.19 0.24 -12.80
C GLU A 275 3.86 -0.28 -13.30
N GLU A 276 3.89 -1.26 -14.22
CA GLU A 276 2.66 -1.84 -14.76
C GLU A 276 1.94 -2.68 -13.73
N LEU A 277 2.68 -3.39 -12.90
CA LEU A 277 2.05 -4.16 -11.78
C LEU A 277 1.34 -3.20 -10.83
N LEU A 278 2.00 -2.08 -10.47
CA LEU A 278 1.40 -1.11 -9.53
C LEU A 278 0.15 -0.59 -10.14
N ARG A 279 0.19 -0.19 -11.40
CA ARG A 279 -1.02 0.36 -12.00
C ARG A 279 -2.09 -0.71 -12.04
N TYR A 280 -1.74 -1.87 -12.57
CA TYR A 280 -2.77 -2.87 -12.85
C TYR A 280 -3.39 -3.39 -11.58
N LEU A 281 -2.60 -3.49 -10.51
CA LEU A 281 -3.15 -4.10 -9.32
C LEU A 281 -3.71 -3.11 -8.36
N THR A 282 -3.31 -1.83 -8.48
CA THR A 282 -3.75 -0.73 -7.52
C THR A 282 -4.40 -1.29 -6.24
N ILE A 283 -3.55 -1.69 -5.27
CA ILE A 283 -4.01 -2.51 -4.15
C ILE A 283 -4.85 -1.74 -3.16
N GLY A 284 -4.79 -0.38 -3.24
CA GLY A 284 -5.70 0.41 -2.36
C GLY A 284 -7.11 0.38 -2.98
N GLN A 285 -7.77 -0.78 -2.89
CA GLN A 285 -8.92 -1.10 -3.70
C GLN A 285 -10.18 -0.28 -3.39
N PHE A 286 -10.34 0.21 -2.13
CA PHE A 286 -11.55 0.93 -1.79
C PHE A 286 -11.38 2.44 -1.97
N GLY A 287 -10.16 2.91 -2.13
CA GLY A 287 -9.96 4.37 -2.39
C GLY A 287 -9.72 5.22 -1.17
N GLY A 288 -9.09 6.38 -1.38
CA GLY A 288 -8.76 7.27 -0.29
C GLY A 288 -9.98 8.11 0.12
N GLU A 289 -10.08 8.45 1.40
CA GLU A 289 -11.25 9.26 1.82
C GLU A 289 -10.84 10.66 2.10
N ARG A 290 -11.67 11.62 1.66
CA ARG A 290 -11.39 13.03 1.97
C ARG A 290 -12.73 13.74 2.29
N VAL A 291 -12.65 14.94 2.81
CA VAL A 291 -13.91 15.69 3.06
C VAL A 291 -13.76 17.16 2.60
N ALA A 292 -14.78 17.73 1.90
CA ALA A 292 -14.61 19.11 1.41
C ALA A 292 -14.62 20.08 2.61
N THR A 293 -13.70 21.05 2.65
CA THR A 293 -13.79 22.07 3.70
C THR A 293 -14.40 23.39 3.22
N ARG A 294 -14.66 23.46 1.92
CA ARG A 294 -15.47 24.55 1.35
C ARG A 294 -16.17 24.00 0.11
N ASP A 295 -17.11 24.74 -0.49
CA ASP A 295 -17.75 24.25 -1.70
C ASP A 295 -16.72 24.26 -2.76
N VAL A 296 -16.66 23.20 -3.57
CA VAL A 296 -15.75 23.12 -4.69
C VAL A 296 -16.42 22.43 -5.84
N GLU A 297 -15.94 22.74 -7.03
CA GLU A 297 -16.41 22.14 -8.19
C GLU A 297 -15.43 21.06 -8.56
N LEU A 298 -15.89 19.85 -8.85
CA LEU A 298 -14.93 18.77 -9.19
C LEU A 298 -15.52 18.04 -10.38
N GLY A 299 -14.81 18.04 -11.50
CA GLY A 299 -15.36 17.47 -12.73
C GLY A 299 -16.70 18.12 -13.09
N GLY A 300 -16.84 19.39 -12.73
CA GLY A 300 -18.04 20.12 -13.11
C GLY A 300 -19.22 19.76 -12.23
N VAL A 301 -19.01 19.04 -11.12
CA VAL A 301 -20.06 18.68 -10.10
C VAL A 301 -19.79 19.46 -8.83
N ARG A 302 -20.83 20.11 -8.25
CA ARG A 302 -20.65 20.81 -7.01
C ARG A 302 -20.63 19.83 -5.82
N ILE A 303 -19.53 19.94 -5.06
CA ILE A 303 -19.34 19.23 -3.79
C ILE A 303 -19.44 20.28 -2.71
N ALA A 304 -20.33 20.04 -1.76
CA ALA A 304 -20.64 20.98 -0.75
C ALA A 304 -19.66 20.85 0.42
N LYS A 305 -19.32 21.97 1.04
CA LYS A 305 -18.63 21.91 2.30
C LYS A 305 -19.18 20.79 3.20
N GLY A 306 -18.24 19.97 3.69
CA GLY A 306 -18.56 18.94 4.72
C GLY A 306 -18.91 17.58 4.11
N GLU A 307 -19.00 17.52 2.77
CA GLU A 307 -19.40 16.30 2.08
C GLU A 307 -18.16 15.39 1.89
N GLN A 308 -18.33 14.10 2.19
CA GLN A 308 -17.14 13.15 2.13
C GLN A 308 -16.99 12.69 0.69
N VAL A 309 -15.76 12.35 0.25
CA VAL A 309 -15.51 12.02 -1.15
C VAL A 309 -14.53 10.86 -1.15
N VAL A 310 -14.68 9.94 -2.11
CA VAL A 310 -13.75 8.79 -2.13
C VAL A 310 -12.96 8.83 -3.45
N ALA A 311 -11.63 8.89 -3.35
CA ALA A 311 -10.73 8.83 -4.53
C ALA A 311 -10.43 7.37 -4.90
N HIS A 312 -11.20 6.82 -5.81
CA HIS A 312 -11.14 5.38 -6.18
C HIS A 312 -10.00 5.25 -7.21
N VAL A 313 -8.79 5.16 -6.64
CA VAL A 313 -7.59 5.10 -7.46
C VAL A 313 -7.58 3.81 -8.31
N LEU A 314 -8.20 2.70 -7.86
CA LEU A 314 -8.19 1.45 -8.68
C LEU A 314 -8.97 1.74 -9.97
N ALA A 315 -10.15 2.31 -9.80
CA ALA A 315 -10.90 2.71 -11.04
C ALA A 315 -10.14 3.65 -11.95
N ALA A 316 -9.55 4.67 -11.36
CA ALA A 316 -8.83 5.67 -12.15
C ALA A 316 -7.70 5.07 -12.96
N ASP A 317 -6.97 4.08 -12.36
CA ASP A 317 -5.86 3.48 -13.09
C ASP A 317 -6.29 2.57 -14.26
N PHE A 318 -7.59 2.35 -14.33
CA PHE A 318 -8.13 1.61 -15.49
C PHE A 318 -8.92 2.53 -16.42
N ASP A 319 -8.77 3.85 -16.26
CA ASP A 319 -9.49 4.83 -17.16
C ASP A 319 -8.89 4.77 -18.58
N PRO A 320 -9.73 4.50 -19.65
CA PRO A 320 -9.14 4.37 -21.01
C PRO A 320 -8.61 5.68 -21.52
N ALA A 321 -8.93 6.79 -20.85
CA ALA A 321 -8.35 8.09 -21.11
C ALA A 321 -6.94 8.25 -20.52
N PHE A 322 -6.56 7.33 -19.61
CA PHE A 322 -5.24 7.39 -19.00
C PHE A 322 -4.25 6.53 -19.80
N VAL A 323 -4.57 5.26 -20.03
CA VAL A 323 -3.74 4.45 -20.91
C VAL A 323 -4.62 3.62 -21.88
N GLU A 324 -4.04 3.28 -23.02
CA GLU A 324 -4.74 2.47 -24.04
C GLU A 324 -5.06 1.06 -23.52
N GLU A 325 -6.26 0.54 -23.79
CA GLU A 325 -6.65 -0.83 -23.47
C GLU A 325 -6.20 -1.19 -22.01
N PRO A 326 -6.69 -0.43 -21.04
CA PRO A 326 -6.14 -0.52 -19.69
C PRO A 326 -6.33 -1.90 -19.06
N GLU A 327 -7.26 -2.70 -19.56
CA GLU A 327 -7.39 -4.06 -19.00
C GLU A 327 -6.35 -5.03 -19.48
N ARG A 328 -5.53 -4.61 -20.44
CA ARG A 328 -4.42 -5.43 -20.89
C ARG A 328 -3.21 -5.25 -19.96
N PHE A 329 -2.77 -6.33 -19.35
CA PHE A 329 -1.57 -6.29 -18.52
C PHE A 329 -0.36 -6.42 -19.44
N ASP A 330 0.45 -5.38 -19.51
CA ASP A 330 1.55 -5.33 -20.50
C ASP A 330 2.73 -4.67 -19.90
N ILE A 331 3.71 -5.47 -19.52
CA ILE A 331 4.89 -4.94 -18.82
C ILE A 331 5.82 -4.20 -19.72
N THR A 332 5.56 -4.23 -21.03
CA THR A 332 6.39 -3.43 -21.90
C THR A 332 5.91 -2.00 -22.08
N ARG A 333 4.74 -1.67 -21.48
CA ARG A 333 4.28 -0.28 -21.58
C ARG A 333 5.32 0.67 -21.06
N ARG A 334 5.40 1.86 -21.65
CA ARG A 334 6.18 2.97 -21.06
C ARG A 334 5.54 3.30 -19.68
N PRO A 335 6.35 3.45 -18.60
CA PRO A 335 5.67 3.77 -17.30
C PRO A 335 4.78 5.03 -17.37
N ALA A 336 3.57 5.01 -16.84
CA ALA A 336 2.87 6.28 -16.77
C ALA A 336 2.57 6.63 -15.33
N PRO A 337 2.11 7.86 -15.08
CA PRO A 337 1.88 8.22 -13.68
C PRO A 337 0.56 7.76 -13.18
N HIS A 338 0.57 6.48 -12.81
CA HIS A 338 -0.58 5.88 -12.16
C HIS A 338 -0.72 6.44 -10.75
N LEU A 339 -1.79 6.00 -10.13
CA LEU A 339 -2.26 6.50 -8.83
C LEU A 339 -2.11 5.50 -7.69
N ALA A 340 -1.30 4.47 -7.90
CA ALA A 340 -1.19 3.39 -6.86
C ALA A 340 -0.63 3.96 -5.56
N PHE A 341 0.20 5.03 -5.64
CA PHE A 341 0.75 5.71 -4.44
C PHE A 341 0.01 6.99 -4.13
N GLY A 342 -1.15 7.15 -4.76
CA GLY A 342 -1.88 8.43 -4.50
C GLY A 342 -1.31 9.58 -5.29
N PHE A 343 -1.53 10.80 -4.79
CA PHE A 343 -1.24 12.00 -5.57
C PHE A 343 -1.46 13.23 -4.73
N GLY A 344 -0.79 14.33 -5.08
CA GLY A 344 -0.95 15.57 -4.27
C GLY A 344 -0.13 15.49 -2.94
N ALA A 345 -0.59 16.23 -1.94
CA ALA A 345 0.21 16.40 -0.73
C ALA A 345 0.50 15.08 0.01
N HIS A 346 -0.44 14.13 -0.04
CA HIS A 346 -0.30 12.88 0.71
C HIS A 346 0.35 11.75 -0.07
N GLN A 347 0.74 12.03 -1.32
CA GLN A 347 1.34 10.96 -2.12
C GLN A 347 2.48 10.25 -1.36
N CYS A 348 2.45 8.93 -1.49
CA CYS A 348 3.33 8.02 -0.71
C CYS A 348 4.76 8.54 -0.49
N ILE A 349 5.19 8.80 0.75
CA ILE A 349 6.54 9.25 0.95
C ILE A 349 7.56 8.07 0.76
N GLY A 350 7.06 6.87 0.78
CA GLY A 350 7.92 5.66 0.75
C GLY A 350 7.98 5.02 -0.63
N GLN A 351 7.42 5.69 -1.66
CA GLN A 351 7.24 4.99 -2.97
C GLN A 351 8.58 4.60 -3.58
N GLN A 352 9.67 5.35 -3.35
CA GLN A 352 10.93 4.91 -3.99
C GLN A 352 11.44 3.62 -3.33
N LEU A 353 11.31 3.53 -2.00
CA LEU A 353 11.68 2.32 -1.29
C LEU A 353 10.77 1.12 -1.73
N ALA A 354 9.46 1.33 -1.85
CA ALA A 354 8.52 0.32 -2.33
C ALA A 354 8.98 -0.17 -3.72
N ARG A 355 9.36 0.77 -4.61
CA ARG A 355 9.74 0.33 -6.00
C ARG A 355 11.03 -0.49 -5.96
N ILE A 356 12.01 -0.03 -5.18
CA ILE A 356 13.26 -0.75 -5.06
C ILE A 356 13.03 -2.17 -4.54
N GLU A 357 12.19 -2.26 -3.50
CA GLU A 357 11.93 -3.64 -2.93
C GLU A 357 11.29 -4.49 -4.00
N LEU A 358 10.29 -3.93 -4.69
CA LEU A 358 9.57 -4.76 -5.70
C LEU A 358 10.47 -5.17 -6.86
N GLN A 359 11.34 -4.27 -7.30
CA GLN A 359 12.23 -4.63 -8.37
C GLN A 359 13.14 -5.77 -7.97
N ILE A 360 13.77 -5.66 -6.80
CA ILE A 360 14.69 -6.70 -6.34
C ILE A 360 13.94 -8.03 -6.09
N VAL A 361 12.77 -7.90 -5.52
CA VAL A 361 11.99 -9.09 -5.18
C VAL A 361 11.64 -9.84 -6.47
N PHE A 362 11.07 -9.12 -7.46
CA PHE A 362 10.53 -9.84 -8.63
C PHE A 362 11.70 -10.28 -9.48
N GLU A 363 12.73 -9.43 -9.61
CA GLU A 363 13.86 -9.89 -10.42
C GLU A 363 14.50 -11.17 -9.84
N THR A 364 14.69 -11.20 -8.51
CA THR A 364 15.44 -12.30 -7.92
C THR A 364 14.57 -13.55 -7.88
N LEU A 365 13.32 -13.34 -7.52
CA LEU A 365 12.36 -14.47 -7.39
C LEU A 365 12.31 -15.25 -8.70
N PHE A 366 12.05 -14.52 -9.80
CA PHE A 366 11.83 -15.20 -11.11
C PHE A 366 13.12 -15.69 -11.75
N ARG A 367 14.25 -15.16 -11.28
CA ARG A 367 15.57 -15.74 -11.68
C ARG A 367 15.88 -16.96 -10.86
N ARG A 368 15.60 -16.94 -9.53
CA ARG A 368 16.20 -17.98 -8.71
C ARG A 368 15.34 -19.26 -8.53
N LEU A 369 14.06 -19.20 -8.80
CA LEU A 369 13.22 -20.47 -8.66
C LEU A 369 12.85 -20.90 -10.06
N PRO A 370 13.71 -21.73 -10.72
CA PRO A 370 13.42 -22.00 -12.12
C PRO A 370 12.07 -22.72 -12.28
N GLY A 371 11.30 -22.25 -13.25
CA GLY A 371 9.99 -22.85 -13.59
C GLY A 371 8.95 -22.60 -12.50
N LEU A 372 9.17 -21.59 -11.67
CA LEU A 372 8.14 -21.18 -10.66
C LEU A 372 6.76 -21.13 -11.34
N ARG A 373 5.71 -21.63 -10.66
CA ARG A 373 4.37 -21.76 -11.28
C ARG A 373 3.41 -22.08 -10.12
N LEU A 374 2.17 -21.86 -10.41
CA LEU A 374 1.18 -22.08 -9.35
C LEU A 374 1.05 -23.57 -8.99
N ALA A 375 0.80 -23.82 -7.70
CA ALA A 375 0.55 -25.18 -7.19
C ALA A 375 -0.90 -25.30 -6.72
N LYS A 376 -1.65 -24.21 -6.92
CA LYS A 376 -3.09 -24.16 -6.58
C LYS A 376 -3.66 -23.14 -7.63
N PRO A 377 -4.76 -23.48 -8.31
CA PRO A 377 -5.27 -22.55 -9.38
C PRO A 377 -5.79 -21.22 -8.79
N VAL A 378 -5.67 -20.13 -9.55
CA VAL A 378 -6.19 -18.79 -9.15
C VAL A 378 -7.63 -18.85 -8.67
N GLU A 379 -8.46 -19.65 -9.35
CA GLU A 379 -9.89 -19.65 -9.02
C GLU A 379 -10.14 -20.29 -7.65
N GLU A 380 -9.13 -20.93 -7.08
CA GLU A 380 -9.24 -21.45 -5.70
C GLU A 380 -8.59 -20.59 -4.62
N LEU A 381 -7.86 -19.55 -5.01
CA LEU A 381 -7.14 -18.72 -3.99
C LEU A 381 -8.09 -17.87 -3.24
N ARG A 382 -7.71 -17.56 -1.99
CA ARG A 382 -8.46 -16.65 -1.19
C ARG A 382 -7.88 -15.23 -1.42
N PHE A 383 -8.65 -14.37 -2.07
CA PHE A 383 -8.21 -12.97 -2.27
C PHE A 383 -8.64 -12.08 -1.08
N ARG A 384 -7.97 -10.93 -0.96
CA ARG A 384 -8.11 -10.07 0.26
C ARG A 384 -9.30 -9.12 0.12
N HIS A 385 -10.52 -9.67 -0.08
CA HIS A 385 -11.71 -8.74 -0.15
C HIS A 385 -12.02 -8.13 1.21
N ASP A 386 -11.43 -8.72 2.25
CA ASP A 386 -11.71 -8.35 3.65
C ASP A 386 -10.66 -7.44 4.30
N MET A 387 -9.70 -7.01 3.48
CA MET A 387 -8.58 -6.18 3.97
C MET A 387 -8.57 -4.87 3.25
N VAL A 388 -7.94 -3.87 3.88
CA VAL A 388 -7.88 -2.56 3.26
C VAL A 388 -7.12 -2.71 1.92
N PHE A 389 -5.98 -3.38 1.99
CA PHE A 389 -5.16 -3.56 0.77
C PHE A 389 -5.40 -4.94 0.19
N TYR A 390 -5.74 -4.93 -1.10
CA TYR A 390 -6.03 -6.14 -1.80
C TYR A 390 -4.81 -6.99 -2.04
N GLY A 391 -5.05 -8.25 -2.42
CA GLY A 391 -3.93 -9.25 -2.58
C GLY A 391 -4.47 -10.67 -2.39
N VAL A 392 -3.57 -11.62 -2.07
CA VAL A 392 -4.01 -12.96 -1.83
C VAL A 392 -3.63 -13.28 -0.41
N HIS A 393 -4.44 -14.14 0.23
CA HIS A 393 -4.10 -14.51 1.60
C HIS A 393 -3.12 -15.70 1.60
N GLU A 394 -2.92 -16.34 0.46
CA GLU A 394 -2.08 -17.50 0.35
C GLU A 394 -1.65 -17.62 -1.10
N LEU A 395 -0.44 -18.14 -1.33
CA LEU A 395 -0.03 -18.38 -2.75
C LEU A 395 0.88 -19.60 -2.87
N PRO A 396 0.29 -20.81 -2.99
CA PRO A 396 1.09 -21.99 -3.06
C PRO A 396 1.74 -22.08 -4.43
N VAL A 397 3.05 -22.33 -4.44
CA VAL A 397 3.77 -22.45 -5.69
C VAL A 397 4.65 -23.66 -5.69
N THR A 398 5.03 -24.10 -6.89
CA THR A 398 6.00 -25.11 -7.06
C THR A 398 6.97 -24.62 -8.13
N TRP A 399 8.08 -25.36 -8.29
CA TRP A 399 9.07 -25.00 -9.31
C TRP A 399 9.86 -26.25 -9.66
N HIS A 400 10.75 -26.17 -10.66
CA HIS A 400 11.52 -27.37 -11.05
C HIS A 400 12.32 -28.00 -9.99
N HIS A 401 12.28 -29.33 -9.93
CA HIS A 401 13.01 -29.92 -8.84
C HIS A 401 14.57 -29.85 -9.03
N HIS A 402 15.30 -29.63 -7.94
CA HIS A 402 16.75 -29.63 -7.99
C HIS A 402 17.29 -31.05 -7.86
N HIS A 403 17.48 -31.67 -9.02
CA HIS A 403 18.03 -33.01 -8.99
C HIS A 403 19.55 -33.04 -8.41
CHA HEM B . 0.94 7.23 1.73
CHB HEM B . 0.34 3.46 -1.21
CHC HEM B . 4.60 1.66 0.44
CHD HEM B . 4.85 5.14 3.80
C1A HEM B . 0.49 6.42 0.75
C2A HEM B . -0.74 6.66 0.00
C3A HEM B . -0.90 5.60 -0.84
C4A HEM B . 0.17 4.69 -0.58
CMA HEM B . -2.03 5.29 -1.80
CAA HEM B . -1.63 7.92 0.08
CBA HEM B . -2.90 7.66 0.96
CGA HEM B . -3.87 8.85 0.84
O1A HEM B . -3.69 9.75 0.00
O2A HEM B . -4.85 8.93 1.63
C1B HEM B . 1.46 2.67 -1.03
C2B HEM B . 1.73 1.43 -1.78
C3B HEM B . 2.91 0.99 -1.33
C4B HEM B . 3.39 1.84 -0.27
CMB HEM B . 0.89 0.80 -2.93
CAB HEM B . 3.67 -0.27 -1.75
CBB HEM B . 3.76 -0.70 -3.00
C1C HEM B . 5.11 2.46 1.44
C2C HEM B . 6.35 2.25 2.13
C3C HEM B . 6.36 3.22 3.03
C4C HEM B . 5.18 4.02 2.99
CMC HEM B . 7.46 1.18 1.81
CAC HEM B . 7.37 3.58 4.09
CBC HEM B . 8.67 3.35 4.01
C1D HEM B . 3.74 5.96 3.57
C2D HEM B . 3.44 7.14 4.39
C3D HEM B . 2.26 7.78 3.74
C4D HEM B . 1.92 6.97 2.64
CMD HEM B . 4.22 7.55 5.65
CAD HEM B . 1.57 9.07 4.22
CBD HEM B . 2.23 10.26 3.45
CGD HEM B . 1.47 11.60 3.74
O1D HEM B . 1.97 12.74 3.47
O2D HEM B . 0.34 11.49 4.24
NA HEM B . 0.98 5.15 0.41
NB HEM B . 2.44 2.86 -0.10
NC HEM B . 4.39 3.53 2.00
ND HEM B . 2.80 5.92 2.58
FE HEM B . 2.78 4.47 1.06
C1 FLI C . -4.01 3.81 4.46
O1 FLI C . -3.96 5.03 4.68
C2 FLI C . -5.35 3.06 4.52
C3 FLI C . -6.05 3.23 5.90
C4 FLI C . -5.13 2.83 7.11
C5 FLI C . -5.90 2.97 8.46
C6 FLI C . -4.96 2.54 9.62
C7 FLI C . -5.71 2.71 10.98
C8 FLI C . -4.62 2.84 12.09
C9 FLI C . -5.31 3.09 13.47
C10 FLI C . -4.21 3.14 14.58
C11 FLI C . -4.89 3.59 15.95
C12 FLI C . -3.84 3.68 17.10
C13 FLI C . -3.12 5.03 17.10
C14 FLI C . -1.92 5.03 18.10
C15 FLI C . -0.73 4.01 17.90
C16 FLI C . -0.16 4.30 16.49
C17 FLI C . -0.62 3.55 15.40
C18 FLI C . -0.30 3.90 14.06
C19 FLI C . -0.72 3.13 12.98
C1P FLI C . -6.21 3.57 3.36
C20 FLI C . -0.43 3.44 11.63
C21 FLI C . -0.90 2.60 10.57
C22 FLI C . -0.65 3.01 9.24
C23 FLI C . -0.95 2.29 8.10
C24 FLI C . -0.53 2.84 6.85
C25 FLI C . -0.95 2.25 5.65
C26 FLI C . -0.55 2.78 4.36
C27 FLI C . -1.57 3.89 4.05
C28 FLI C . -1.48 4.41 2.61
C29 FLI C . 0.79 5.55 16.34
C2P FLI C . -5.51 3.52 1.95
O30 FLI C . -2.87 3.14 4.10
C3P FLI C . -6.34 4.06 0.80
C4P FLI C . -5.49 3.93 -0.47
C5P FLI C . -6.10 4.47 -1.78
C6P FLI C . -5.66 5.97 -2.00
OA3 FLI C . -7.22 2.36 5.85
OA5 FLI C . -7.04 2.03 8.45
OA7 FLI C . -6.51 1.50 11.20
OA9 FLI C . -6.15 1.95 13.68
OB1 FLI C . -5.90 2.61 16.35
OB3 FLI C . -4.06 6.11 17.31
OB5 FLI C . 0.17 4.39 19.01
S SO4 D . -21.74 -5.73 -7.21
O1 SO4 D . -21.21 -5.72 -8.56
O2 SO4 D . -22.33 -4.39 -7.23
O3 SO4 D . -22.68 -6.78 -6.96
O4 SO4 D . -20.70 -5.73 -6.14
S SO4 E . -0.71 -13.18 -21.01
O1 SO4 E . 0.36 -12.44 -20.42
O2 SO4 E . -1.06 -12.19 -22.06
O3 SO4 E . -0.42 -14.54 -21.54
O4 SO4 E . -1.82 -13.51 -20.08
S SO4 F . 25.82 -2.37 2.50
O1 SO4 F . 26.52 -3.49 1.77
O2 SO4 F . 25.71 -1.24 1.55
O3 SO4 F . 24.47 -2.70 3.04
O4 SO4 F . 26.63 -1.89 3.63
#